data_2BER
#
_entry.id   2BER
#
_cell.length_a   55.440
_cell.length_b   49.535
_cell.length_c   107.041
_cell.angle_alpha   90.00
_cell.angle_beta   101.74
_cell.angle_gamma   90.00
#
_symmetry.space_group_name_H-M   'P 1 21 1'
#
loop_
_entity.id
_entity.type
_entity.pdbx_description
1 polymer 'BACTERIAL SIALIDASE'
2 non-polymer 'N-acetyl-beta-neuraminic acid'
3 non-polymer 'SODIUM ION'
4 water water
#
_entity_poly.entity_id   1
_entity_poly.type   'polypeptide(L)'
_entity_poly.pdbx_seq_one_letter_code
;GEPLYTEQDLAVNGREGFPNYRIPALTVTPDGDLLASYDGRPTGIDAPGPNSILQRRSTDGGRTWGEQQVVSAGQTTAPI
KGFSDPSYLVDRETGTIFNFHVYSQRQGFAGSRPGTDPADPNVLHANVATSTDGGLTWSHRTITADITPDPGWRSRFAAS
GEGIQLRYGPHAGRLIQQYTIINAAGAFQAVSVYSDDHGRTWRAGEAVGVGMDENKTVELSDGRVLLNSRDSARSGYRKV
AVSTDGGHSYGPVTIDRDLPDPTNNASIIRAFPDAPAGSARAKVLLFSNAASQTSRSQGTIRMSCDDGQTWPVSKVFQPG
SMSGSTLTALPDGTYGLLYEPGTGIRYANFNLAWLGGICAPFTIPDVALEPGQQVTVPVAVTNQSGIAVPKPSLQLDASP
DWQVQGSVEPLMPGRQAKGQVTITVPAGTTPGRYRVGATLRTSAGNASTTFTVTVGLLDQARMSIADVDSEETAREDGRA
SNVIDGNPSTFWHTEWSRADAPGYPHRISLDLGGTHTISGLQYTRRQNSANEQVADYEIYTSLNGTTWDGPVASGRFTTS
LAPQRAVFPARDARYIRLVALSEQTGHKYAAVAELEVEGQR
;
_entity_poly.pdbx_strand_id   A
#
loop_
_chem_comp.id
_chem_comp.type
_chem_comp.name
_chem_comp.formula
NA non-polymer 'SODIUM ION' 'Na 1'
SLB D-saccharide, beta linking 'N-acetyl-beta-neuraminic acid' 'C11 H19 N O9'
#
# COMPACT_ATOMS: atom_id res chain seq x y z
N GLY A 1 -21.96 23.43 -0.35
CA GLY A 1 -20.61 22.78 -0.47
C GLY A 1 -19.52 23.77 -0.86
N GLU A 2 -19.16 24.62 0.08
CA GLU A 2 -17.92 25.38 0.04
C GLU A 2 -16.80 24.43 0.55
N PRO A 3 -15.73 24.31 -0.22
CA PRO A 3 -14.61 23.46 0.17
C PRO A 3 -14.02 23.86 1.51
N LEU A 4 -13.78 22.84 2.32
CA LEU A 4 -13.16 23.02 3.61
C LEU A 4 -11.95 22.06 3.70
N TYR A 5 -10.79 22.64 4.06
CA TYR A 5 -9.63 21.89 4.51
C TYR A 5 -8.89 22.73 5.50
N THR A 6 -8.71 22.21 6.71
CA THR A 6 -7.98 22.91 7.79
C THR A 6 -7.12 21.94 8.56
N GLU A 7 -6.04 22.44 9.17
CA GLU A 7 -5.30 21.55 10.09
C GLU A 7 -4.65 22.28 11.24
N GLN A 8 -4.42 21.52 12.29
CA GLN A 8 -3.72 22.01 13.43
C GLN A 8 -2.99 20.90 14.17
N ASP A 9 -1.83 21.23 14.71
CA ASP A 9 -1.07 20.28 15.45
C ASP A 9 -1.70 19.97 16.79
N LEU A 10 -1.77 18.69 17.15
CA LEU A 10 -2.20 18.25 18.50
C LEU A 10 -1.01 17.81 19.40
N ALA A 11 0.05 17.36 18.77
CA ALA A 11 1.25 17.00 19.50
C ALA A 11 2.45 17.30 18.63
N VAL A 12 3.48 17.92 19.23
CA VAL A 12 4.64 18.40 18.54
C VAL A 12 5.85 17.76 19.21
N ASN A 13 6.55 16.91 18.46
CA ASN A 13 7.71 16.25 18.95
C ASN A 13 8.60 17.17 19.76
N GLY A 14 8.99 16.73 20.94
CA GLY A 14 9.87 17.51 21.81
C GLY A 14 9.16 18.58 22.61
N ARG A 15 7.83 18.63 22.55
CA ARG A 15 7.04 19.46 23.44
C ARG A 15 5.99 18.59 24.22
N GLU A 16 5.74 18.97 25.48
CA GLU A 16 4.70 18.48 26.36
C GLU A 16 5.02 17.11 26.97
N GLY A 17 6.29 16.72 26.89
CA GLY A 17 6.87 15.73 27.77
C GLY A 17 7.39 14.52 27.02
N PHE A 18 7.34 14.52 25.68
CA PHE A 18 7.89 13.40 24.91
C PHE A 18 8.68 13.89 23.73
N PRO A 19 9.81 13.20 23.38
CA PRO A 19 10.60 13.58 22.19
C PRO A 19 10.02 13.15 20.84
N ASN A 20 9.03 12.27 20.86
CA ASN A 20 8.47 11.66 19.67
C ASN A 20 7.01 11.24 19.97
N TYR A 21 6.15 11.52 19.01
CA TYR A 21 4.70 11.17 19.05
C TYR A 21 4.37 10.53 17.72
N ARG A 22 3.68 9.39 17.74
CA ARG A 22 3.30 8.72 16.52
C ARG A 22 2.06 7.88 16.82
N ILE A 23 1.44 7.43 15.76
CA ILE A 23 0.46 6.33 15.79
C ILE A 23 -0.96 6.79 16.16
N PRO A 24 -1.67 7.42 15.20
CA PRO A 24 -2.96 8.07 15.48
C PRO A 24 -4.18 7.17 15.51
N ALA A 25 -5.09 7.51 16.43
CA ALA A 25 -6.39 6.91 16.57
C ALA A 25 -7.36 8.06 16.83
N LEU A 26 -8.53 8.00 16.20
CA LEU A 26 -9.47 9.10 16.25
C LEU A 26 -10.87 8.53 16.24
N THR A 27 -11.72 9.10 17.09
CA THR A 27 -13.12 8.72 17.12
C THR A 27 -14.00 9.86 17.62
N VAL A 28 -15.31 9.65 17.52
CA VAL A 28 -16.33 10.62 17.97
C VAL A 28 -17.16 9.85 19.01
N THR A 29 -17.32 10.40 20.23
CA THR A 29 -18.00 9.72 21.30
C THR A 29 -19.50 9.85 21.10
N PRO A 30 -20.26 9.02 21.79
CA PRO A 30 -21.73 9.16 21.74
C PRO A 30 -22.23 10.57 22.03
N ASP A 31 -21.50 11.34 22.83
CA ASP A 31 -21.89 12.77 23.03
C ASP A 31 -21.32 13.78 22.11
N GLY A 32 -20.62 13.32 21.07
CA GLY A 32 -20.16 14.20 20.01
C GLY A 32 -18.76 14.75 20.18
N ASP A 33 -18.09 14.36 21.26
CA ASP A 33 -16.72 14.83 21.50
C ASP A 33 -15.80 14.07 20.56
N LEU A 34 -14.79 14.75 20.05
CA LEU A 34 -13.74 14.07 19.27
C LEU A 34 -12.66 13.66 20.22
N LEU A 35 -12.17 12.40 20.09
CA LEU A 35 -11.02 11.95 20.90
C LEU A 35 -9.90 11.61 19.94
N ALA A 36 -8.71 12.12 20.23
CA ALA A 36 -7.52 11.86 19.47
C ALA A 36 -6.60 11.14 20.40
N SER A 37 -6.13 9.92 20.03
CA SER A 37 -5.16 9.16 20.82
C SER A 37 -3.94 8.82 19.97
N TYR A 38 -2.81 8.63 20.64
CA TYR A 38 -1.51 8.46 20.01
C TYR A 38 -0.46 8.01 21.08
N ASP A 39 0.65 7.47 20.59
CA ASP A 39 1.81 7.17 21.45
C ASP A 39 2.60 8.43 21.84
N GLY A 40 3.00 8.50 23.10
CA GLY A 40 4.16 9.20 23.50
C GLY A 40 5.30 8.23 23.65
N ARG A 41 6.45 8.56 23.07
CA ARG A 41 7.57 7.65 22.94
C ARG A 41 8.82 8.23 23.58
N PRO A 42 9.09 7.87 24.84
CA PRO A 42 10.29 8.41 25.53
C PRO A 42 11.65 8.15 24.89
N THR A 43 11.75 7.09 24.12
CA THR A 43 12.99 6.69 23.47
C THR A 43 12.81 6.58 21.97
N GLY A 44 11.73 7.14 21.46
CA GLY A 44 11.46 7.27 20.05
C GLY A 44 11.27 6.01 19.22
N ILE A 45 10.83 4.91 19.87
CA ILE A 45 10.79 3.62 19.25
C ILE A 45 9.41 2.94 19.42
N ASP A 46 9.16 1.95 18.57
CA ASP A 46 7.99 1.09 18.67
C ASP A 46 8.13 0.26 19.98
N ALA A 47 7.09 -0.45 20.34
CA ALA A 47 7.19 -1.51 21.41
C ALA A 47 8.43 -2.36 21.22
N PRO A 48 9.19 -2.67 22.31
CA PRO A 48 8.92 -2.43 23.72
C PRO A 48 9.48 -1.17 24.30
N GLY A 49 9.54 -0.10 23.53
CA GLY A 49 9.82 1.20 24.11
C GLY A 49 8.79 1.47 25.19
N PRO A 50 9.18 2.16 26.28
CA PRO A 50 8.34 2.43 27.42
C PRO A 50 7.26 3.49 27.14
N ASN A 51 6.43 3.16 26.15
CA ASN A 51 5.49 4.11 25.59
C ASN A 51 4.24 4.29 26.43
N SER A 52 3.65 5.47 26.31
CA SER A 52 2.30 5.74 26.81
C SER A 52 1.26 5.92 25.70
N ILE A 53 0.04 5.53 26.03
CA ILE A 53 -1.15 5.93 25.25
C ILE A 53 -1.73 7.22 25.83
N LEU A 54 -1.79 8.22 24.99
CA LEU A 54 -2.23 9.58 25.30
C LEU A 54 -3.56 9.89 24.62
N GLN A 55 -4.27 10.89 25.15
CA GLN A 55 -5.51 11.29 24.53
C GLN A 55 -5.75 12.80 24.69
N ARG A 56 -6.18 13.48 23.63
CA ARG A 56 -6.77 14.84 23.74
C ARG A 56 -8.25 14.81 23.29
N ARG A 57 -9.03 15.69 23.88
CA ARG A 57 -10.48 15.77 23.62
C ARG A 57 -10.87 17.13 23.04
N SER A 58 -11.73 17.14 22.02
CA SER A 58 -12.36 18.40 21.58
C SER A 58 -13.87 18.37 21.84
N THR A 59 -14.37 19.42 22.50
CA THR A 59 -15.81 19.52 22.75
C THR A 59 -16.59 20.48 21.84
N ASP A 60 -15.92 21.01 20.82
CA ASP A 60 -16.49 21.95 19.83
C ASP A 60 -16.26 21.57 18.36
N GLY A 61 -16.36 20.27 18.10
CA GLY A 61 -16.31 19.68 16.78
C GLY A 61 -14.93 19.66 16.18
N GLY A 62 -13.89 19.76 17.01
CA GLY A 62 -12.50 19.72 16.54
C GLY A 62 -11.82 21.08 16.38
N ARG A 63 -12.49 22.15 16.79
CA ARG A 63 -11.93 23.46 16.62
C ARG A 63 -10.81 23.67 17.64
N THR A 64 -11.01 23.24 18.89
CA THR A 64 -10.01 23.43 19.95
C THR A 64 -10.00 22.18 20.80
N TRP A 65 -8.84 21.95 21.43
CA TRP A 65 -8.54 20.70 22.06
C TRP A 65 -8.04 20.91 23.46
N GLY A 66 -8.42 20.01 24.35
CA GLY A 66 -8.11 20.09 25.80
C GLY A 66 -6.74 19.54 26.08
N GLU A 67 -6.41 19.34 27.36
CA GLU A 67 -5.06 18.90 27.74
C GLU A 67 -4.76 17.49 27.27
N GLN A 68 -3.48 17.22 26.97
CA GLN A 68 -3.00 15.84 26.72
C GLN A 68 -3.05 15.06 28.02
N GLN A 69 -3.85 13.99 28.10
CA GLN A 69 -4.02 13.14 29.28
C GLN A 69 -3.49 11.73 28.98
N VAL A 70 -3.15 10.98 30.03
CA VAL A 70 -2.54 9.65 29.89
C VAL A 70 -3.64 8.62 30.08
N VAL A 71 -3.94 7.86 29.04
CA VAL A 71 -4.83 6.67 29.14
C VAL A 71 -4.13 5.44 29.78
N SER A 72 -2.97 5.07 29.26
CA SER A 72 -2.18 4.00 29.86
C SER A 72 -0.73 4.48 29.95
N ALA A 73 -0.18 4.47 31.17
CA ALA A 73 1.11 5.09 31.41
C ALA A 73 2.21 4.06 31.28
N GLY A 74 3.18 4.34 30.40
CA GLY A 74 4.40 3.53 30.33
C GLY A 74 5.28 3.72 31.57
N GLN A 75 6.23 2.85 31.75
CA GLN A 75 7.21 2.95 32.84
C GLN A 75 8.61 2.80 32.30
N THR A 76 9.41 3.84 32.53
CA THR A 76 10.74 3.90 31.94
C THR A 76 11.83 3.26 32.79
N THR A 77 11.52 3.02 34.08
CA THR A 77 12.32 2.28 35.04
C THR A 77 11.65 0.94 35.44
N ALA A 78 11.51 0.65 36.74
CA ALA A 78 11.35 -0.77 37.24
C ALA A 78 10.05 -1.29 37.59
N PRO A 79 9.64 -2.27 36.83
CA PRO A 79 10.01 -2.90 35.61
C PRO A 79 9.57 -2.10 34.38
N ILE A 80 10.26 -2.25 33.26
CA ILE A 80 9.91 -1.44 32.05
C ILE A 80 8.56 -1.96 31.52
N LYS A 81 7.65 -1.05 31.26
CA LYS A 81 6.36 -1.38 30.64
C LYS A 81 6.05 -0.34 29.56
N GLY A 82 5.38 -0.78 28.51
CA GLY A 82 4.98 0.13 27.44
C GLY A 82 3.54 -0.18 26.98
N PHE A 83 2.84 0.87 26.53
CA PHE A 83 1.52 0.73 25.99
C PHE A 83 1.57 1.53 24.68
N SER A 84 1.23 0.90 23.55
CA SER A 84 1.58 1.45 22.26
C SER A 84 0.57 1.02 21.20
N ASP A 85 0.37 1.87 20.19
CA ASP A 85 -0.43 1.57 19.02
C ASP A 85 -1.95 1.55 19.36
N PRO A 86 -2.55 2.70 19.60
CA PRO A 86 -3.98 2.72 19.98
C PRO A 86 -4.94 2.51 18.84
N SER A 87 -6.07 1.87 19.14
CA SER A 87 -7.22 1.84 18.23
C SER A 87 -8.50 2.06 19.03
N TYR A 88 -9.27 3.09 18.67
CA TYR A 88 -10.60 3.35 19.30
C TYR A 88 -11.65 2.40 18.67
N LEU A 89 -12.62 2.02 19.49
CA LEU A 89 -13.82 1.34 19.01
C LEU A 89 -14.96 1.73 19.93
N VAL A 90 -15.96 2.36 19.36
CA VAL A 90 -17.16 2.80 20.12
C VAL A 90 -18.31 1.85 19.89
N ASP A 91 -18.86 1.33 21.00
CA ASP A 91 -20.09 0.55 20.95
C ASP A 91 -21.19 1.59 20.98
N ARG A 92 -21.80 1.85 19.84
CA ARG A 92 -22.80 2.93 19.75
C ARG A 92 -24.18 2.44 20.24
N GLU A 93 -24.29 1.15 20.54
CA GLU A 93 -25.53 0.64 21.16
C GLU A 93 -25.56 0.79 22.72
N THR A 94 -24.40 0.64 23.36
CA THR A 94 -24.27 0.83 24.80
C THR A 94 -23.64 2.14 25.22
N GLY A 95 -22.92 2.82 24.30
CA GLY A 95 -22.17 4.07 24.67
C GLY A 95 -20.74 3.83 25.15
N THR A 96 -20.34 2.56 25.25
CA THR A 96 -19.04 2.20 25.80
C THR A 96 -17.97 2.44 24.76
N ILE A 97 -16.80 2.89 25.23
CA ILE A 97 -15.65 3.16 24.35
C ILE A 97 -14.49 2.29 24.81
N PHE A 98 -13.84 1.63 23.84
CA PHE A 98 -12.63 0.80 24.00
C PHE A 98 -11.44 1.45 23.30
N ASN A 99 -10.26 1.29 23.89
CA ASN A 99 -9.00 1.68 23.25
C ASN A 99 -8.08 0.47 23.38
N PHE A 100 -7.86 -0.19 22.26
CA PHE A 100 -6.94 -1.33 22.20
C PHE A 100 -5.55 -0.84 22.02
N HIS A 101 -4.63 -1.52 22.66
CA HIS A 101 -3.17 -1.25 22.47
C HIS A 101 -2.36 -2.41 23.02
N VAL A 102 -1.08 -2.46 22.64
CA VAL A 102 -0.19 -3.46 23.21
C VAL A 102 0.17 -3.13 24.63
N TYR A 103 0.46 -4.19 25.35
CA TYR A 103 1.12 -4.12 26.66
C TYR A 103 2.40 -4.91 26.51
N SER A 104 3.50 -4.18 26.44
CA SER A 104 4.87 -4.74 26.32
C SER A 104 5.64 -4.64 27.68
N GLN A 105 6.53 -5.58 27.87
CA GLN A 105 7.50 -5.57 28.95
C GLN A 105 8.86 -5.76 28.30
N ARG A 106 9.29 -7.01 28.10
CA ARG A 106 10.64 -7.22 27.50
C ARG A 106 10.62 -7.16 25.96
N GLN A 107 9.52 -7.61 25.37
CA GLN A 107 9.47 -7.82 23.90
C GLN A 107 8.41 -7.04 23.18
N GLY A 108 8.74 -6.69 21.92
CA GLY A 108 7.81 -6.19 20.98
C GLY A 108 7.33 -7.27 20.07
N PHE A 109 6.84 -6.84 18.93
CA PHE A 109 6.22 -7.74 17.96
C PHE A 109 7.19 -8.83 17.53
N ALA A 110 8.42 -8.42 17.17
CA ALA A 110 9.34 -9.36 16.55
C ALA A 110 9.80 -10.40 17.56
N GLY A 111 10.04 -9.99 18.81
CA GLY A 111 10.58 -10.89 19.84
C GLY A 111 9.58 -11.66 20.67
N SER A 112 8.30 -11.31 20.59
CA SER A 112 7.31 -11.93 21.50
C SER A 112 7.31 -13.48 21.48
N ARG A 113 7.27 -14.09 22.65
CA ARG A 113 7.24 -15.55 22.78
C ARG A 113 5.85 -16.12 22.95
N PRO A 114 5.70 -17.44 22.67
CA PRO A 114 4.37 -18.06 22.89
C PRO A 114 3.95 -17.97 24.35
N GLY A 115 2.64 -17.87 24.56
CA GLY A 115 2.05 -17.85 25.89
C GLY A 115 1.06 -16.73 26.04
N THR A 116 0.18 -16.86 27.01
CA THR A 116 -0.94 -15.94 27.19
C THR A 116 -1.03 -15.44 28.66
N ASP A 117 -0.15 -15.88 29.56
CA ASP A 117 -0.26 -15.44 30.98
C ASP A 117 0.10 -13.97 31.14
N PRO A 118 -0.84 -13.15 31.64
CA PRO A 118 -0.52 -11.70 31.81
C PRO A 118 0.72 -11.37 32.61
N ALA A 119 1.16 -12.26 33.48
CA ALA A 119 2.36 -12.00 34.31
C ALA A 119 3.65 -12.27 33.54
N ASP A 120 3.54 -12.91 32.36
CA ASP A 120 4.72 -13.32 31.60
C ASP A 120 5.23 -12.10 30.85
N PRO A 121 6.45 -11.62 31.17
CA PRO A 121 7.01 -10.42 30.52
C PRO A 121 7.64 -10.70 29.12
N ASN A 122 7.65 -11.97 28.68
CA ASN A 122 8.25 -12.32 27.40
C ASN A 122 7.26 -12.30 26.24
N VAL A 123 6.00 -12.06 26.57
CA VAL A 123 4.86 -11.96 25.64
C VAL A 123 4.50 -10.49 25.33
N LEU A 124 4.22 -10.16 24.06
CA LEU A 124 3.58 -8.93 23.74
C LEU A 124 2.09 -9.20 23.94
N HIS A 125 1.56 -8.58 24.97
CA HIS A 125 0.18 -8.78 25.33
C HIS A 125 -0.73 -7.87 24.57
N ALA A 126 -1.97 -8.33 24.48
CA ALA A 126 -3.03 -7.57 23.90
C ALA A 126 -3.88 -7.01 25.00
N ASN A 127 -3.89 -5.67 25.10
CA ASN A 127 -4.71 -4.96 26.13
C ASN A 127 -5.88 -4.19 25.52
N VAL A 128 -6.87 -3.94 26.36
CA VAL A 128 -7.94 -3.08 26.03
C VAL A 128 -8.34 -2.29 27.29
N ALA A 129 -8.43 -0.99 27.11
CA ALA A 129 -8.99 -0.09 28.11
C ALA A 129 -10.48 0.19 27.76
N THR A 130 -11.34 0.21 28.78
CA THR A 130 -12.73 0.41 28.57
C THR A 130 -13.16 1.65 29.38
N SER A 131 -13.98 2.49 28.79
CA SER A 131 -14.54 3.69 29.46
C SER A 131 -16.07 3.68 29.34
N THR A 132 -16.78 3.95 30.42
CA THR A 132 -18.25 4.06 30.36
C THR A 132 -18.66 5.54 30.55
N ASP A 133 -17.69 6.45 30.55
CA ASP A 133 -17.96 7.89 30.80
C ASP A 133 -17.43 8.77 29.70
N GLY A 134 -17.43 8.26 28.47
CA GLY A 134 -17.06 9.05 27.30
C GLY A 134 -15.57 9.32 27.16
N GLY A 135 -14.77 8.44 27.73
CA GLY A 135 -13.30 8.53 27.63
C GLY A 135 -12.65 9.40 28.71
N LEU A 136 -13.41 9.85 29.71
CA LEU A 136 -12.84 10.50 30.90
C LEU A 136 -11.97 9.58 31.78
N THR A 137 -12.45 8.38 32.05
CA THR A 137 -11.73 7.41 32.86
C THR A 137 -11.84 6.03 32.23
N TRP A 138 -10.89 5.18 32.58
CA TRP A 138 -10.68 3.87 31.91
C TRP A 138 -10.42 2.78 32.90
N SER A 139 -10.93 1.58 32.65
CA SER A 139 -10.41 0.39 33.33
C SER A 139 -9.61 -0.42 32.32
N HIS A 140 -8.76 -1.32 32.80
CA HIS A 140 -7.84 -2.04 31.91
C HIS A 140 -7.92 -3.57 31.98
N ARG A 141 -7.80 -4.23 30.83
CA ARG A 141 -7.88 -5.68 30.77
C ARG A 141 -6.77 -6.16 29.86
N THR A 142 -6.23 -7.34 30.16
CA THR A 142 -5.37 -8.05 29.20
C THR A 142 -6.24 -9.19 28.63
N ILE A 143 -6.39 -9.26 27.32
CA ILE A 143 -7.17 -10.24 26.61
C ILE A 143 -6.43 -11.28 25.72
N THR A 144 -5.11 -11.37 25.88
CA THR A 144 -4.31 -12.24 25.07
C THR A 144 -4.90 -13.65 25.09
N ALA A 145 -5.23 -14.15 26.29
CA ALA A 145 -5.69 -15.57 26.41
C ALA A 145 -7.00 -15.72 25.64
N ASP A 146 -7.81 -14.70 25.67
CA ASP A 146 -9.13 -14.77 25.03
C ASP A 146 -9.04 -14.81 23.51
N ILE A 147 -7.99 -14.22 22.94
CA ILE A 147 -7.83 -14.05 21.50
C ILE A 147 -6.72 -14.88 20.89
N THR A 148 -6.31 -15.92 21.59
CA THR A 148 -5.22 -16.78 21.13
C THR A 148 -5.69 -18.27 21.09
N PRO A 149 -6.50 -18.64 20.08
CA PRO A 149 -7.03 -20.00 20.00
C PRO A 149 -6.01 -21.05 19.58
N ASP A 150 -4.82 -20.63 19.14
CA ASP A 150 -3.80 -21.52 18.64
C ASP A 150 -2.54 -21.13 19.35
N PRO A 151 -1.95 -22.05 20.11
CA PRO A 151 -0.77 -21.71 20.96
C PRO A 151 0.47 -21.40 20.11
N GLY A 152 0.37 -21.68 18.82
CA GLY A 152 1.40 -21.29 17.87
C GLY A 152 1.44 -19.79 17.51
N TRP A 153 0.38 -19.06 17.84
CA TRP A 153 0.37 -17.59 17.61
C TRP A 153 1.17 -16.92 18.75
N ARG A 154 2.44 -16.63 18.45
CA ARG A 154 3.41 -16.22 19.46
C ARG A 154 3.42 -14.67 19.68
N SER A 155 2.75 -13.94 18.80
CA SER A 155 2.80 -12.46 18.82
C SER A 155 1.60 -11.88 18.12
N ARG A 156 1.16 -10.68 18.56
CA ARG A 156 -0.01 -10.04 17.99
C ARG A 156 -0.01 -8.57 18.36
N PHE A 157 -0.59 -7.75 17.49
CA PHE A 157 -0.94 -6.37 17.86
C PHE A 157 -2.20 -5.91 17.14
N ALA A 158 -3.07 -5.23 17.88
CA ALA A 158 -4.19 -4.55 17.25
C ALA A 158 -3.67 -3.48 16.28
N ALA A 159 -4.27 -3.43 15.12
CA ALA A 159 -3.92 -2.41 14.15
C ALA A 159 -4.38 -1.07 14.62
N SER A 160 -3.47 -0.10 14.79
CA SER A 160 -3.87 1.22 15.26
C SER A 160 -4.79 1.99 14.32
N GLY A 161 -5.62 2.88 14.90
CA GLY A 161 -6.57 3.66 14.10
C GLY A 161 -7.96 3.53 14.73
N GLU A 162 -8.94 3.00 14.01
CA GLU A 162 -10.29 2.85 14.60
C GLU A 162 -11.04 1.59 14.11
N GLY A 163 -11.58 0.78 15.04
CA GLY A 163 -12.41 -0.39 14.68
C GLY A 163 -13.86 -0.02 14.43
N ILE A 164 -14.73 -1.02 14.24
CA ILE A 164 -16.11 -0.77 13.74
C ILE A 164 -17.10 -1.55 14.54
N GLN A 165 -18.38 -1.14 14.41
CA GLN A 165 -19.50 -1.94 14.89
C GLN A 165 -20.42 -2.20 13.69
N LEU A 166 -20.74 -3.46 13.44
CA LEU A 166 -21.63 -3.84 12.35
C LEU A 166 -23.03 -3.28 12.58
N ARG A 167 -23.63 -2.75 11.52
CA ARG A 167 -25.02 -2.26 11.59
C ARG A 167 -26.01 -3.12 10.86
N TYR A 168 -25.57 -4.03 10.00
CA TYR A 168 -26.43 -4.87 9.16
C TYR A 168 -26.37 -6.35 9.60
N GLY A 169 -27.44 -7.11 9.33
CA GLY A 169 -27.28 -8.54 9.20
C GLY A 169 -27.53 -9.27 10.50
N PRO A 170 -27.31 -10.58 10.48
CA PRO A 170 -27.53 -11.35 11.71
C PRO A 170 -26.59 -11.01 12.85
N HIS A 171 -25.43 -10.48 12.50
CA HIS A 171 -24.42 -10.11 13.49
C HIS A 171 -24.37 -8.60 13.85
N ALA A 172 -25.41 -7.86 13.49
CA ALA A 172 -25.55 -6.46 13.86
C ALA A 172 -25.27 -6.27 15.34
N GLY A 173 -24.34 -5.37 15.63
CA GLY A 173 -24.02 -4.97 17.01
C GLY A 173 -22.60 -5.48 17.32
N ARG A 174 -22.10 -6.37 16.50
CA ARG A 174 -20.77 -6.94 16.69
C ARG A 174 -19.70 -5.87 16.56
N LEU A 175 -18.78 -5.90 17.51
CA LEU A 175 -17.61 -5.04 17.52
C LEU A 175 -16.43 -5.80 16.91
N ILE A 176 -15.77 -5.17 15.98
CA ILE A 176 -14.64 -5.77 15.23
C ILE A 176 -13.39 -4.90 15.26
N GLN A 177 -12.33 -5.50 15.78
CA GLN A 177 -11.00 -4.90 15.84
C GLN A 177 -9.99 -5.83 15.18
N GLN A 178 -9.26 -5.28 14.22
CA GLN A 178 -8.28 -6.07 13.49
C GLN A 178 -6.97 -6.18 14.23
N TYR A 179 -6.33 -7.36 14.07
CA TYR A 179 -4.99 -7.64 14.59
C TYR A 179 -4.12 -8.25 13.47
N THR A 180 -2.84 -8.20 13.70
CA THR A 180 -1.80 -8.95 12.98
C THR A 180 -1.23 -9.94 14.01
N ILE A 181 -1.05 -11.19 13.58
CA ILE A 181 -0.40 -12.25 14.41
C ILE A 181 0.81 -12.81 13.64
N ILE A 182 1.72 -13.44 14.36
CA ILE A 182 2.81 -14.23 13.75
C ILE A 182 2.55 -15.65 14.22
N ASN A 183 2.31 -16.54 13.27
CA ASN A 183 2.04 -17.99 13.53
C ASN A 183 3.33 -18.82 13.68
N ALA A 184 3.19 -20.13 13.88
CA ALA A 184 4.36 -20.96 14.17
C ALA A 184 5.27 -21.15 12.97
N ALA A 185 4.74 -21.00 11.76
CA ALA A 185 5.55 -20.98 10.53
C ALA A 185 6.29 -19.66 10.31
N GLY A 186 6.02 -18.67 11.12
CA GLY A 186 6.68 -17.40 10.98
C GLY A 186 5.98 -16.40 10.06
N ALA A 187 4.79 -16.74 9.56
CA ALA A 187 4.07 -15.88 8.65
C ALA A 187 3.34 -14.81 9.46
N PHE A 188 3.19 -13.62 8.86
CA PHE A 188 2.35 -12.58 9.41
C PHE A 188 0.97 -12.76 8.76
N GLN A 189 -0.06 -12.82 9.59
CA GLN A 189 -1.44 -13.02 9.12
C GLN A 189 -2.32 -11.96 9.69
N ALA A 190 -3.44 -11.66 9.04
CA ALA A 190 -4.47 -10.78 9.61
C ALA A 190 -5.54 -11.61 10.30
N VAL A 191 -6.14 -11.08 11.39
CA VAL A 191 -7.30 -11.72 11.98
C VAL A 191 -8.21 -10.68 12.59
N SER A 192 -9.53 -10.91 12.50
CA SER A 192 -10.52 -10.09 13.18
C SER A 192 -10.77 -10.61 14.58
N VAL A 193 -10.71 -9.71 15.55
CA VAL A 193 -11.10 -9.98 16.90
C VAL A 193 -12.43 -9.29 17.13
N TYR A 194 -13.38 -10.00 17.71
CA TYR A 194 -14.72 -9.48 17.78
C TYR A 194 -15.47 -9.86 19.03
N SER A 195 -16.49 -9.04 19.34
CA SER A 195 -17.39 -9.26 20.46
C SER A 195 -18.84 -9.14 20.01
N ASP A 196 -19.63 -10.14 20.42
CA ASP A 196 -21.09 -10.15 20.25
C ASP A 196 -21.86 -9.83 21.55
N ASP A 197 -21.15 -9.43 22.61
CA ASP A 197 -21.77 -9.11 23.92
C ASP A 197 -21.28 -7.76 24.44
N HIS A 198 -21.07 -6.87 23.49
CA HIS A 198 -20.80 -5.45 23.82
C HIS A 198 -19.51 -5.24 24.58
N GLY A 199 -18.57 -6.08 24.25
CA GLY A 199 -17.20 -5.96 24.83
C GLY A 199 -16.95 -6.77 26.09
N ARG A 200 -17.93 -7.53 26.53
CA ARG A 200 -17.76 -8.34 27.73
C ARG A 200 -16.77 -9.43 27.46
N THR A 201 -16.89 -10.09 26.33
CA THR A 201 -15.91 -11.12 25.95
C THR A 201 -15.46 -10.84 24.51
N TRP A 202 -14.20 -11.19 24.22
CA TRP A 202 -13.59 -11.06 22.89
C TRP A 202 -13.06 -12.41 22.40
N ARG A 203 -13.13 -12.64 21.10
CA ARG A 203 -12.53 -13.82 20.50
C ARG A 203 -11.91 -13.50 19.17
N ALA A 204 -10.99 -14.35 18.77
CA ALA A 204 -10.38 -14.29 17.41
C ALA A 204 -11.16 -15.16 16.44
N GLY A 205 -11.29 -14.69 15.19
CA GLY A 205 -11.84 -15.50 14.11
C GLY A 205 -10.71 -16.27 13.50
N GLU A 206 -10.88 -16.59 12.22
CA GLU A 206 -9.90 -17.36 11.49
C GLU A 206 -8.88 -16.43 10.89
N ALA A 207 -7.59 -16.77 11.03
CA ALA A 207 -6.55 -15.97 10.42
C ALA A 207 -6.57 -16.10 8.87
N VAL A 208 -6.14 -15.04 8.21
CA VAL A 208 -6.08 -14.99 6.77
C VAL A 208 -4.78 -14.45 6.24
N GLY A 209 -4.32 -15.10 5.17
CA GLY A 209 -3.31 -14.63 4.26
C GLY A 209 -1.91 -14.90 4.74
N VAL A 210 -0.95 -14.46 3.93
CA VAL A 210 0.46 -14.39 4.33
C VAL A 210 1.00 -13.05 3.84
N GLY A 211 2.16 -12.63 4.36
CA GLY A 211 2.64 -11.29 4.05
C GLY A 211 1.69 -10.16 4.45
N MET A 212 0.91 -10.43 5.50
CA MET A 212 0.02 -9.42 6.01
C MET A 212 0.68 -8.51 7.03
N ASP A 213 -0.10 -7.54 7.51
CA ASP A 213 0.42 -6.60 8.50
C ASP A 213 -0.77 -5.77 9.01
N GLU A 214 -0.49 -4.57 9.49
CA GLU A 214 -1.60 -3.71 9.97
C GLU A 214 -2.68 -3.70 8.90
N ASN A 215 -3.91 -3.95 9.35
CA ASN A 215 -5.03 -4.13 8.42
C ASN A 215 -6.32 -3.61 9.04
N LYS A 216 -7.26 -3.26 8.19
CA LYS A 216 -8.48 -2.63 8.62
C LYS A 216 -9.68 -3.23 7.96
N THR A 217 -10.81 -3.08 8.63
CA THR A 217 -12.08 -3.55 8.11
C THR A 217 -13.17 -2.49 8.09
N VAL A 218 -14.14 -2.75 7.20
CA VAL A 218 -15.26 -1.86 6.92
C VAL A 218 -16.44 -2.68 6.41
N GLU A 219 -17.66 -2.30 6.84
CA GLU A 219 -18.88 -2.99 6.46
C GLU A 219 -19.39 -2.38 5.17
N LEU A 220 -19.53 -3.23 4.17
CA LEU A 220 -19.93 -2.81 2.80
C LEU A 220 -21.45 -2.69 2.74
N SER A 221 -21.96 -2.21 1.61
CA SER A 221 -23.39 -1.97 1.42
C SER A 221 -24.29 -3.16 1.56
N ASP A 222 -23.74 -4.37 1.37
CA ASP A 222 -24.50 -5.61 1.46
C ASP A 222 -24.18 -6.36 2.75
N GLY A 223 -23.44 -5.71 3.65
CA GLY A 223 -23.05 -6.36 4.93
C GLY A 223 -21.83 -7.29 4.89
N ARG A 224 -21.26 -7.54 3.73
CA ARG A 224 -19.96 -8.18 3.72
C ARG A 224 -18.95 -7.22 4.40
N VAL A 225 -17.88 -7.82 4.86
CA VAL A 225 -16.82 -7.06 5.53
C VAL A 225 -15.55 -7.07 4.68
N LEU A 226 -15.11 -5.88 4.30
CA LEU A 226 -13.93 -5.73 3.50
C LEU A 226 -12.72 -5.52 4.40
N LEU A 227 -11.66 -6.24 4.08
CA LEU A 227 -10.36 -6.14 4.76
C LEU A 227 -9.35 -5.51 3.85
N ASN A 228 -8.62 -4.56 4.40
CA ASN A 228 -7.63 -3.78 3.65
C ASN A 228 -6.35 -3.71 4.47
N SER A 229 -5.27 -4.28 3.90
CA SER A 229 -4.02 -4.55 4.63
C SER A 229 -2.73 -4.00 4.02
N ARG A 230 -1.86 -3.54 4.92
CA ARG A 230 -0.46 -3.29 4.66
C ARG A 230 0.17 -4.61 4.21
N ASP A 231 1.13 -4.51 3.28
CA ASP A 231 1.71 -5.74 2.67
C ASP A 231 3.11 -5.90 3.22
N SER A 232 3.30 -6.80 4.20
CA SER A 232 4.65 -6.94 4.77
C SER A 232 5.64 -7.55 3.75
N ALA A 233 5.15 -8.12 2.65
CA ALA A 233 5.98 -8.56 1.54
C ALA A 233 6.38 -7.43 0.55
N ARG A 234 5.96 -6.19 0.84
CA ARG A 234 6.45 -5.00 0.11
C ARG A 234 6.22 -4.96 -1.43
N SER A 235 4.99 -5.25 -1.83
CA SER A 235 4.60 -5.16 -3.22
C SER A 235 4.58 -3.76 -3.77
N GLY A 236 4.36 -2.77 -2.90
CA GLY A 236 4.09 -1.40 -3.26
C GLY A 236 2.60 -1.07 -3.36
N TYR A 237 1.74 -2.02 -2.92
CA TYR A 237 0.27 -1.89 -2.93
C TYR A 237 -0.40 -2.39 -1.68
N ARG A 238 -1.68 -2.04 -1.52
CA ARG A 238 -2.48 -2.60 -0.41
C ARG A 238 -3.02 -3.99 -0.77
N LYS A 239 -3.19 -4.86 0.23
CA LYS A 239 -3.83 -6.16 0.06
C LYS A 239 -5.32 -6.13 0.49
N VAL A 240 -6.19 -6.91 -0.18
CA VAL A 240 -7.61 -6.93 0.17
C VAL A 240 -8.22 -8.32 0.24
N ALA A 241 -9.27 -8.46 1.04
CA ALA A 241 -10.01 -9.72 1.20
C ALA A 241 -11.41 -9.40 1.72
N VAL A 242 -12.35 -10.32 1.49
CA VAL A 242 -13.76 -10.10 1.89
C VAL A 242 -14.31 -11.27 2.71
N SER A 243 -15.18 -10.92 3.66
CA SER A 243 -15.85 -11.87 4.55
C SER A 243 -17.37 -11.80 4.28
N THR A 244 -18.00 -12.94 4.25
CA THR A 244 -19.49 -13.02 4.18
C THR A 244 -20.07 -13.44 5.53
N ASP A 245 -19.26 -13.61 6.56
CA ASP A 245 -19.74 -14.03 7.88
C ASP A 245 -19.45 -13.09 9.06
N GLY A 246 -19.53 -11.78 8.81
CA GLY A 246 -19.43 -10.80 9.86
C GLY A 246 -18.02 -10.66 10.39
N GLY A 247 -17.04 -11.03 9.58
CA GLY A 247 -15.63 -10.80 9.92
C GLY A 247 -14.97 -11.99 10.55
N HIS A 248 -15.70 -13.10 10.70
CA HIS A 248 -15.14 -14.30 11.30
C HIS A 248 -14.13 -14.95 10.37
N SER A 249 -14.42 -15.04 9.08
CA SER A 249 -13.42 -15.60 8.20
C SER A 249 -13.44 -14.90 6.84
N TYR A 250 -12.34 -14.94 6.09
CA TYR A 250 -12.16 -14.16 4.84
C TYR A 250 -11.84 -15.05 3.67
N GLY A 251 -12.10 -14.60 2.46
CA GLY A 251 -11.62 -15.31 1.27
C GLY A 251 -10.16 -15.02 0.90
N PRO A 252 -9.78 -15.36 -0.35
CA PRO A 252 -8.46 -15.11 -0.92
C PRO A 252 -8.06 -13.62 -0.82
N VAL A 253 -6.79 -13.37 -0.52
CA VAL A 253 -6.27 -12.03 -0.49
C VAL A 253 -5.73 -11.72 -1.87
N THR A 254 -6.04 -10.53 -2.36
CA THR A 254 -5.48 -10.05 -3.63
C THR A 254 -4.85 -8.68 -3.43
N ILE A 255 -3.99 -8.26 -4.37
CA ILE A 255 -3.45 -6.88 -4.40
C ILE A 255 -4.38 -5.99 -5.14
N ASP A 256 -4.49 -4.78 -4.64
CA ASP A 256 -5.27 -3.77 -5.27
C ASP A 256 -4.34 -2.79 -5.94
N ARG A 257 -4.21 -2.93 -7.26
CA ARG A 257 -3.25 -2.11 -8.00
C ARG A 257 -3.56 -0.63 -8.03
N ASP A 258 -4.79 -0.23 -7.66
CA ASP A 258 -5.17 1.17 -7.66
C ASP A 258 -4.84 1.88 -6.34
N LEU A 259 -4.27 1.12 -5.40
CA LEU A 259 -3.91 1.65 -4.09
C LEU A 259 -2.43 1.43 -3.79
N PRO A 260 -1.57 2.23 -4.40
CA PRO A 260 -0.13 2.22 -4.10
C PRO A 260 0.12 2.60 -2.62
N ASP A 261 1.14 1.98 -2.06
CA ASP A 261 1.44 2.12 -0.63
C ASP A 261 2.92 1.81 -0.44
N PRO A 262 3.59 2.54 0.46
CA PRO A 262 5.04 2.37 0.69
C PRO A 262 5.37 1.34 1.81
N THR A 263 4.36 0.58 2.24
CA THR A 263 4.38 -0.44 3.32
C THR A 263 4.21 0.31 4.62
N ASN A 264 2.96 0.67 4.90
CA ASN A 264 2.63 1.45 6.06
C ASN A 264 1.14 1.37 6.29
N ASN A 265 0.74 1.93 7.43
CA ASN A 265 -0.70 1.88 7.84
C ASN A 265 -1.54 2.79 6.92
N ALA A 266 -2.84 2.64 7.02
CA ALA A 266 -3.78 3.40 6.17
C ALA A 266 -5.16 3.22 6.87
N SER A 267 -6.14 3.98 6.42
CA SER A 267 -7.47 3.94 7.00
C SER A 267 -8.49 3.85 5.88
N ILE A 268 -9.60 3.16 6.18
CA ILE A 268 -10.73 3.01 5.25
C ILE A 268 -12.00 3.08 6.08
N ILE A 269 -12.90 3.95 5.65
CA ILE A 269 -14.19 4.12 6.34
C ILE A 269 -15.36 4.28 5.41
N ARG A 270 -16.53 4.01 5.96
CA ARG A 270 -17.76 4.43 5.30
C ARG A 270 -17.94 5.95 5.37
N ALA A 271 -18.20 6.56 4.23
CA ALA A 271 -18.47 7.99 4.10
C ALA A 271 -19.82 8.33 4.74
N PHE A 272 -20.76 7.38 4.66
CA PHE A 272 -22.17 7.51 5.12
C PHE A 272 -22.51 6.31 5.99
N PRO A 273 -22.05 6.32 7.24
CA PRO A 273 -22.15 5.12 8.11
C PRO A 273 -23.55 4.74 8.54
N ASP A 274 -24.50 5.69 8.45
CA ASP A 274 -25.89 5.48 8.76
C ASP A 274 -26.76 5.20 7.55
N ALA A 275 -26.17 5.07 6.38
CA ALA A 275 -26.96 4.92 5.17
C ALA A 275 -27.51 3.49 5.16
N PRO A 276 -28.72 3.30 4.59
CA PRO A 276 -29.27 1.96 4.64
C PRO A 276 -28.59 0.99 3.69
N ALA A 277 -28.71 -0.27 4.02
CA ALA A 277 -28.11 -1.35 3.29
C ALA A 277 -28.60 -1.28 1.87
N GLY A 278 -27.69 -1.45 0.93
CA GLY A 278 -28.03 -1.44 -0.50
C GLY A 278 -28.11 -0.11 -1.19
N SER A 279 -28.14 1.00 -0.46
CA SER A 279 -28.20 2.34 -1.00
C SER A 279 -26.87 2.77 -1.65
N ALA A 280 -26.96 3.74 -2.55
CA ALA A 280 -25.77 4.30 -3.21
C ALA A 280 -24.82 4.85 -2.15
N ARG A 281 -25.40 5.53 -1.15
CA ARG A 281 -24.61 6.16 -0.13
C ARG A 281 -23.88 5.11 0.69
N ALA A 282 -24.48 3.93 0.86
CA ALA A 282 -23.84 2.85 1.66
C ALA A 282 -22.61 2.25 0.92
N LYS A 283 -22.46 2.57 -0.37
CA LYS A 283 -21.40 2.01 -1.21
C LYS A 283 -20.14 2.88 -1.16
N VAL A 284 -20.24 4.06 -0.57
CA VAL A 284 -19.17 5.00 -0.62
C VAL A 284 -18.17 4.80 0.51
N LEU A 285 -16.90 4.71 0.12
CA LEU A 285 -15.80 4.53 1.04
C LEU A 285 -14.78 5.63 0.83
N LEU A 286 -14.15 6.04 1.92
CA LEU A 286 -13.02 6.94 1.90
C LEU A 286 -11.80 6.23 2.42
N PHE A 287 -10.66 6.59 1.83
CA PHE A 287 -9.37 5.93 2.11
C PHE A 287 -8.30 6.96 2.23
N SER A 288 -7.43 6.73 3.21
CA SER A 288 -6.26 7.53 3.47
C SER A 288 -4.98 6.74 3.65
N ASN A 289 -3.96 7.15 2.93
CA ASN A 289 -2.62 6.58 3.08
C ASN A 289 -1.57 7.53 2.47
N ALA A 290 -0.30 7.10 2.45
CA ALA A 290 0.73 7.69 1.63
C ALA A 290 0.72 6.99 0.25
N ALA A 291 0.51 7.77 -0.82
CA ALA A 291 0.45 7.26 -2.19
C ALA A 291 1.83 6.96 -2.81
N SER A 292 2.90 7.55 -2.30
CA SER A 292 4.24 7.22 -2.80
C SER A 292 4.59 5.78 -2.51
N GLN A 293 5.30 5.14 -3.44
CA GLN A 293 5.73 3.76 -3.22
C GLN A 293 7.12 3.71 -2.66
N THR A 294 7.79 4.87 -2.62
CA THR A 294 9.20 4.93 -2.33
C THR A 294 9.53 5.62 -1.02
N SER A 295 8.59 6.40 -0.49
CA SER A 295 8.69 6.96 0.84
C SER A 295 7.28 7.11 1.46
N ARG A 296 7.25 7.35 2.77
CA ARG A 296 6.02 7.78 3.49
C ARG A 296 5.77 9.27 3.24
N SER A 297 5.22 9.55 2.06
CA SER A 297 4.95 10.90 1.59
C SER A 297 3.73 10.87 0.64
N GLN A 298 3.27 12.07 0.24
CA GLN A 298 2.11 12.23 -0.67
C GLN A 298 0.84 11.63 -0.06
N GLY A 299 0.55 12.01 1.17
CA GLY A 299 -0.69 11.65 1.80
C GLY A 299 -1.85 12.07 0.92
N THR A 300 -2.74 11.12 0.67
CA THR A 300 -3.80 11.24 -0.32
C THR A 300 -5.09 10.68 0.29
N ILE A 301 -6.20 11.39 0.04
CA ILE A 301 -7.54 10.83 0.23
C ILE A 301 -8.09 10.31 -1.08
N ARG A 302 -8.66 9.11 -1.05
CA ARG A 302 -9.33 8.55 -2.20
C ARG A 302 -10.78 8.21 -1.83
N MET A 303 -11.63 8.10 -2.83
CA MET A 303 -13.01 7.72 -2.68
C MET A 303 -13.44 6.70 -3.72
N SER A 304 -14.13 5.65 -3.22
CA SER A 304 -14.87 4.64 -3.99
C SER A 304 -16.40 4.83 -3.85
N CYS A 305 -17.14 4.67 -4.95
CA CYS A 305 -18.57 4.76 -4.94
C CYS A 305 -19.21 3.41 -5.15
N ASP A 306 -18.39 2.35 -5.13
CA ASP A 306 -18.80 0.97 -5.47
C ASP A 306 -18.23 -0.12 -4.54
N ASP A 307 -18.22 0.20 -3.23
CA ASP A 307 -17.85 -0.78 -2.18
C ASP A 307 -16.40 -1.19 -2.36
N GLY A 308 -15.57 -0.30 -2.90
CA GLY A 308 -14.11 -0.54 -3.01
C GLY A 308 -13.66 -1.35 -4.22
N GLN A 309 -14.57 -1.56 -5.17
CA GLN A 309 -14.16 -2.08 -6.50
C GLN A 309 -13.27 -1.15 -7.29
N THR A 310 -13.63 0.12 -7.36
CA THR A 310 -12.78 1.13 -8.00
C THR A 310 -12.59 2.36 -7.14
N TRP A 311 -11.54 3.17 -7.44
CA TRP A 311 -11.16 4.35 -6.64
C TRP A 311 -10.98 5.52 -7.61
N PRO A 312 -12.08 6.01 -8.15
CA PRO A 312 -12.00 7.08 -9.17
C PRO A 312 -11.40 8.39 -8.66
N VAL A 313 -11.59 8.68 -7.38
CA VAL A 313 -11.45 10.00 -6.85
C VAL A 313 -10.25 9.99 -5.94
N SER A 314 -9.39 10.99 -6.10
CA SER A 314 -8.22 11.20 -5.23
C SER A 314 -7.86 12.70 -5.12
N LYS A 315 -7.38 13.11 -3.95
CA LYS A 315 -6.73 14.39 -3.77
C LYS A 315 -5.61 14.36 -2.70
N VAL A 316 -4.50 15.03 -3.00
CA VAL A 316 -3.36 15.07 -2.08
C VAL A 316 -3.69 16.00 -0.94
N PHE A 317 -3.55 15.53 0.32
CA PHE A 317 -3.68 16.40 1.47
C PHE A 317 -2.35 16.85 2.06
N GLN A 318 -1.30 16.05 1.84
CA GLN A 318 0.03 16.34 2.31
C GLN A 318 1.04 15.90 1.27
N PRO A 319 1.54 16.85 0.46
CA PRO A 319 2.53 16.52 -0.54
C PRO A 319 3.85 16.05 0.02
N GLY A 320 4.16 16.48 1.23
CA GLY A 320 5.37 16.14 1.97
C GLY A 320 5.26 14.87 2.81
N SER A 321 5.99 14.84 3.89
CA SER A 321 6.06 13.67 4.79
C SER A 321 4.70 13.33 5.34
N MET A 322 4.35 12.01 5.38
CA MET A 322 3.01 11.59 5.85
C MET A 322 3.07 10.10 6.21
N SER A 323 3.34 9.86 7.50
CA SER A 323 3.73 8.53 8.04
C SER A 323 2.71 7.82 8.93
N GLY A 324 1.45 8.26 8.90
CA GLY A 324 0.37 7.47 9.46
C GLY A 324 -0.85 8.30 9.37
N SER A 325 -2.03 7.67 9.31
CA SER A 325 -3.29 8.45 9.19
C SER A 325 -4.50 7.58 9.50
N THR A 326 -5.53 8.23 10.05
CA THR A 326 -6.78 7.62 10.33
C THR A 326 -7.91 8.59 10.10
N LEU A 327 -8.99 8.04 9.55
CA LEU A 327 -10.21 8.78 9.24
C LEU A 327 -11.38 8.45 10.20
N THR A 328 -12.16 9.49 10.52
CA THR A 328 -13.45 9.28 11.14
C THR A 328 -14.52 10.25 10.61
N ALA A 329 -15.77 9.77 10.63
CA ALA A 329 -16.93 10.54 10.18
C ALA A 329 -17.41 11.42 11.33
N LEU A 330 -17.52 12.74 11.09
CA LEU A 330 -18.04 13.64 12.13
C LEU A 330 -19.58 13.84 12.01
N PRO A 331 -20.28 14.15 13.11
CA PRO A 331 -21.73 14.46 13.02
C PRO A 331 -22.14 15.60 12.10
N ASP A 332 -21.26 16.52 11.77
CA ASP A 332 -21.62 17.63 10.91
C ASP A 332 -21.51 17.34 9.42
N GLY A 333 -21.28 16.08 9.05
CA GLY A 333 -21.13 15.72 7.64
C GLY A 333 -19.73 15.80 7.08
N THR A 334 -18.79 16.36 7.84
CA THR A 334 -17.37 16.39 7.43
C THR A 334 -16.58 15.23 8.04
N TYR A 335 -15.27 15.22 7.77
CA TYR A 335 -14.39 14.09 8.10
C TYR A 335 -13.20 14.63 8.86
N GLY A 336 -12.88 13.94 9.95
CA GLY A 336 -11.63 14.15 10.64
C GLY A 336 -10.53 13.22 10.13
N LEU A 337 -9.30 13.71 10.22
CA LEU A 337 -8.14 13.06 9.67
C LEU A 337 -6.97 13.36 10.60
N LEU A 338 -6.57 12.33 11.35
CA LEU A 338 -5.52 12.48 12.37
C LEU A 338 -4.28 11.82 11.73
N TYR A 339 -3.18 12.58 11.56
CA TYR A 339 -2.05 12.06 10.81
C TYR A 339 -0.71 12.55 11.29
N GLU A 340 0.32 11.86 10.83
CA GLU A 340 1.72 12.11 11.13
C GLU A 340 2.42 12.93 10.03
N PRO A 341 2.70 14.22 10.25
CA PRO A 341 3.43 15.01 9.20
C PRO A 341 4.96 14.94 9.33
N GLY A 342 5.46 14.24 10.34
CA GLY A 342 6.88 14.26 10.63
C GLY A 342 7.19 15.10 11.86
N THR A 343 6.22 15.92 12.25
CA THR A 343 6.34 16.84 13.41
C THR A 343 5.60 16.32 14.66
N GLY A 344 4.89 15.20 14.53
CA GLY A 344 4.11 14.58 15.61
C GLY A 344 2.75 14.11 15.13
N ILE A 345 1.69 14.69 15.70
CA ILE A 345 0.29 14.31 15.35
C ILE A 345 -0.48 15.58 15.05
N ARG A 346 -1.10 15.58 13.87
CA ARG A 346 -1.80 16.76 13.35
C ARG A 346 -3.23 16.36 13.02
N TYR A 347 -4.16 17.21 13.40
CA TYR A 347 -5.60 17.04 13.10
C TYR A 347 -6.07 17.91 11.93
N ALA A 348 -6.65 17.25 10.93
CA ALA A 348 -7.19 17.90 9.75
C ALA A 348 -8.67 17.56 9.66
N ASN A 349 -9.39 18.47 9.03
CA ASN A 349 -10.82 18.35 8.86
C ASN A 349 -11.05 18.74 7.40
N PHE A 350 -11.74 17.89 6.66
CA PHE A 350 -12.07 18.22 5.26
C PHE A 350 -13.50 17.78 4.96
N ASN A 351 -14.05 18.30 3.87
CA ASN A 351 -15.37 17.88 3.42
C ASN A 351 -15.31 17.36 2.01
N LEU A 352 -16.42 16.83 1.54
CA LEU A 352 -16.42 16.25 0.19
C LEU A 352 -16.32 17.29 -0.92
N ALA A 353 -16.80 18.50 -0.68
CA ALA A 353 -16.56 19.59 -1.65
C ALA A 353 -15.08 19.86 -1.88
N TRP A 354 -14.28 19.81 -0.80
CA TRP A 354 -12.82 19.91 -0.93
C TRP A 354 -12.26 18.76 -1.80
N LEU A 355 -12.68 17.52 -1.50
CA LEU A 355 -12.18 16.35 -2.19
C LEU A 355 -12.43 16.42 -3.68
N GLY A 356 -13.64 16.82 -4.03
CA GLY A 356 -13.91 17.39 -5.33
C GLY A 356 -14.09 16.32 -6.40
N GLY A 357 -14.57 15.16 -6.01
CA GLY A 357 -14.64 14.05 -6.96
C GLY A 357 -15.98 13.86 -7.67
N ILE A 358 -15.93 13.16 -8.78
CA ILE A 358 -17.13 12.55 -9.39
C ILE A 358 -16.94 11.06 -9.42
N CYS A 359 -18.03 10.34 -9.17
CA CYS A 359 -18.05 8.86 -9.21
C CYS A 359 -18.10 8.41 -10.68
N ALA A 360 -16.95 8.43 -11.39
CA ALA A 360 -16.90 8.08 -12.81
C ALA A 360 -15.54 7.37 -13.07
N PRO A 361 -15.37 6.15 -12.56
CA PRO A 361 -14.13 5.41 -12.80
C PRO A 361 -13.91 5.19 -14.28
N PHE A 362 -12.67 5.34 -14.75
CA PHE A 362 -12.40 5.09 -16.14
C PHE A 362 -11.09 4.40 -16.37
N THR A 363 -10.98 3.80 -17.54
CA THR A 363 -9.81 3.01 -17.91
C THR A 363 -9.15 3.56 -19.18
N ILE A 364 -7.83 3.50 -19.20
CA ILE A 364 -7.05 3.69 -20.42
C ILE A 364 -6.03 2.58 -20.40
N PRO A 365 -5.90 1.82 -21.51
CA PRO A 365 -4.96 0.73 -21.51
C PRO A 365 -3.51 1.19 -21.69
N ASP A 366 -2.59 0.35 -21.25
CA ASP A 366 -1.17 0.53 -21.55
C ASP A 366 -0.94 0.41 -23.04
N VAL A 367 0.07 1.14 -23.56
CA VAL A 367 0.34 1.20 -24.99
C VAL A 367 1.86 1.27 -25.25
N ALA A 368 2.27 0.70 -26.38
CA ALA A 368 3.67 0.68 -26.82
C ALA A 368 3.78 1.37 -28.15
N LEU A 369 4.86 2.12 -28.35
CA LEU A 369 5.15 2.69 -29.64
C LEU A 369 6.65 2.92 -29.81
N GLU A 370 7.06 3.35 -31.00
CA GLU A 370 8.45 3.74 -31.25
C GLU A 370 8.63 5.27 -31.12
N PRO A 371 9.84 5.73 -30.76
CA PRO A 371 10.12 7.17 -30.80
C PRO A 371 9.83 7.69 -32.18
N GLY A 372 9.32 8.91 -32.23
CA GLY A 372 8.95 9.47 -33.53
C GLY A 372 7.65 8.97 -34.10
N GLN A 373 6.74 8.44 -33.23
CA GLN A 373 5.46 7.92 -33.66
C GLN A 373 4.31 8.51 -32.85
N GLN A 374 3.10 8.25 -33.35
CA GLN A 374 1.89 8.62 -32.63
C GLN A 374 1.00 7.36 -32.51
N VAL A 375 0.20 7.32 -31.43
CA VAL A 375 -0.78 6.26 -31.26
C VAL A 375 -2.03 6.85 -30.57
N THR A 376 -3.20 6.28 -30.85
CA THR A 376 -4.43 6.63 -30.16
C THR A 376 -4.96 5.41 -29.38
N VAL A 377 -5.33 5.61 -28.10
CA VAL A 377 -5.85 4.57 -27.21
C VAL A 377 -7.28 4.95 -26.81
N PRO A 378 -8.13 3.95 -26.58
CA PRO A 378 -9.50 4.22 -26.16
C PRO A 378 -9.61 4.48 -24.66
N VAL A 379 -10.61 5.30 -24.30
CA VAL A 379 -10.97 5.62 -22.91
C VAL A 379 -12.37 5.06 -22.68
N ALA A 380 -12.60 4.37 -21.54
CA ALA A 380 -13.94 3.86 -21.15
C ALA A 380 -14.27 4.37 -19.76
N VAL A 381 -15.25 5.29 -19.70
CA VAL A 381 -15.74 5.91 -18.47
C VAL A 381 -17.04 5.24 -17.99
N THR A 382 -17.04 4.71 -16.76
CA THR A 382 -18.26 4.13 -16.19
C THR A 382 -18.88 5.15 -15.28
N ASN A 383 -20.00 5.70 -15.72
CA ASN A 383 -20.62 6.81 -14.95
C ASN A 383 -21.49 6.23 -13.84
N GLN A 384 -21.02 6.38 -12.61
CA GLN A 384 -21.73 5.92 -11.44
C GLN A 384 -22.41 7.08 -10.70
N SER A 385 -22.37 8.30 -11.28
CA SER A 385 -22.83 9.50 -10.62
C SER A 385 -24.34 9.65 -10.63
N GLY A 386 -25.01 9.03 -11.62
CA GLY A 386 -26.43 9.23 -11.81
C GLY A 386 -26.75 10.56 -12.49
N ILE A 387 -25.75 11.34 -12.91
CA ILE A 387 -26.09 12.57 -13.64
C ILE A 387 -25.46 12.67 -15.03
N ALA A 388 -26.03 13.54 -15.85
CA ALA A 388 -25.52 13.90 -17.15
C ALA A 388 -24.46 15.02 -17.04
N VAL A 389 -23.35 14.85 -17.76
CA VAL A 389 -22.28 15.85 -17.88
C VAL A 389 -22.07 16.12 -19.37
N PRO A 390 -22.65 17.21 -19.87
CA PRO A 390 -22.61 17.46 -21.29
C PRO A 390 -21.22 17.74 -21.89
N LYS A 391 -20.29 18.32 -21.15
CA LYS A 391 -19.00 18.72 -21.73
C LYS A 391 -17.83 18.35 -20.84
N PRO A 392 -17.58 17.03 -20.66
CA PRO A 392 -16.44 16.64 -19.82
C PRO A 392 -15.17 16.93 -20.57
N SER A 393 -14.05 17.06 -19.85
CA SER A 393 -12.74 17.21 -20.50
C SER A 393 -11.74 16.24 -19.96
N LEU A 394 -10.68 16.01 -20.74
CA LEU A 394 -9.65 15.09 -20.31
C LEU A 394 -8.32 15.82 -20.36
N GLN A 395 -7.62 15.80 -19.23
CA GLN A 395 -6.35 16.51 -19.04
C GLN A 395 -5.29 15.47 -18.75
N LEU A 396 -4.22 15.44 -19.57
CA LEU A 396 -3.16 14.43 -19.46
C LEU A 396 -1.87 15.05 -18.92
N ASP A 397 -1.19 14.27 -18.10
CA ASP A 397 0.04 14.65 -17.46
C ASP A 397 1.11 13.71 -18.00
N ALA A 398 1.88 14.21 -18.95
CA ALA A 398 2.97 13.44 -19.60
C ALA A 398 4.25 14.31 -19.76
N SER A 399 5.32 13.72 -20.29
CA SER A 399 6.49 14.53 -20.53
C SER A 399 6.13 15.80 -21.31
N PRO A 400 6.67 16.92 -20.91
CA PRO A 400 6.41 18.21 -21.58
C PRO A 400 6.89 18.34 -23.04
N ASP A 401 7.81 17.51 -23.50
CA ASP A 401 8.11 17.53 -24.92
C ASP A 401 7.30 16.53 -25.73
N TRP A 402 6.39 15.80 -25.12
CA TRP A 402 5.49 14.95 -25.89
C TRP A 402 4.25 15.77 -26.21
N GLN A 403 3.52 15.38 -27.25
CA GLN A 403 2.20 15.95 -27.48
C GLN A 403 1.14 14.94 -27.13
N VAL A 404 0.29 15.28 -26.17
CA VAL A 404 -0.71 14.34 -25.70
C VAL A 404 -2.02 15.09 -25.54
N GLN A 405 -3.10 14.57 -26.11
CA GLN A 405 -4.38 15.22 -25.91
C GLN A 405 -5.45 14.17 -25.89
N GLY A 406 -6.58 14.51 -25.29
CA GLY A 406 -7.67 13.55 -25.29
C GLY A 406 -9.02 14.21 -25.18
N SER A 407 -10.03 13.39 -25.38
CA SER A 407 -11.40 13.87 -25.40
C SER A 407 -12.29 12.77 -24.91
N VAL A 408 -13.46 13.12 -24.43
CA VAL A 408 -14.38 12.12 -23.97
C VAL A 408 -15.77 12.60 -24.34
N GLU A 409 -16.61 11.65 -24.70
CA GLU A 409 -17.98 11.97 -25.06
C GLU A 409 -18.80 12.28 -23.78
N PRO A 410 -19.95 12.94 -23.92
CA PRO A 410 -20.76 13.32 -22.75
C PRO A 410 -21.12 12.12 -21.83
N LEU A 411 -21.17 12.38 -20.56
CA LEU A 411 -21.55 11.37 -19.58
C LEU A 411 -23.06 11.36 -19.48
N MET A 412 -23.62 10.15 -19.45
CA MET A 412 -25.04 9.97 -19.31
C MET A 412 -25.36 9.07 -18.12
N PRO A 413 -26.49 9.33 -17.41
CA PRO A 413 -26.76 8.49 -16.22
C PRO A 413 -26.78 7.02 -16.52
N GLY A 414 -26.19 6.22 -15.63
CA GLY A 414 -26.19 4.78 -15.81
C GLY A 414 -25.50 4.19 -17.04
N ARG A 415 -24.67 4.97 -17.74
CA ARG A 415 -24.03 4.51 -18.99
C ARG A 415 -22.53 4.63 -19.00
N GLN A 416 -21.91 3.85 -19.89
CA GLN A 416 -20.51 3.95 -20.17
C GLN A 416 -20.34 5.03 -21.22
N ALA A 417 -19.28 5.82 -21.12
CA ALA A 417 -18.95 6.79 -22.18
C ALA A 417 -17.60 6.42 -22.78
N LYS A 418 -17.46 6.72 -24.05
CA LYS A 418 -16.19 6.48 -24.75
C LYS A 418 -15.39 7.77 -24.93
N GLY A 419 -14.07 7.60 -25.03
CA GLY A 419 -13.18 8.71 -25.33
C GLY A 419 -11.93 8.20 -26.02
N GLN A 420 -10.98 9.10 -26.20
CA GLN A 420 -9.69 8.75 -26.78
C GLN A 420 -8.58 9.65 -26.31
N VAL A 421 -7.36 9.11 -26.33
CA VAL A 421 -6.17 9.91 -26.03
C VAL A 421 -5.22 9.65 -27.18
N THR A 422 -4.69 10.69 -27.82
CA THR A 422 -3.59 10.53 -28.80
C THR A 422 -2.27 10.97 -28.15
N ILE A 423 -1.24 10.19 -28.40
CA ILE A 423 0.09 10.42 -27.85
C ILE A 423 1.11 10.52 -29.00
N THR A 424 1.85 11.61 -29.06
CA THR A 424 3.00 11.67 -29.92
C THR A 424 4.26 11.81 -29.16
N VAL A 425 5.22 10.97 -29.53
CA VAL A 425 6.50 10.91 -28.83
C VAL A 425 7.59 11.30 -29.82
N PRO A 426 8.42 12.29 -29.49
CA PRO A 426 9.47 12.76 -30.40
C PRO A 426 10.50 11.72 -30.75
N ALA A 427 11.05 11.82 -31.96
CA ALA A 427 12.21 11.04 -32.33
C ALA A 427 13.30 11.25 -31.31
N GLY A 428 14.08 10.21 -31.09
CA GLY A 428 15.20 10.35 -30.22
C GLY A 428 14.90 10.02 -28.76
N THR A 429 13.61 10.08 -28.34
CA THR A 429 13.23 9.88 -26.95
C THR A 429 13.88 8.59 -26.42
N THR A 430 14.36 8.62 -25.19
CA THR A 430 15.08 7.46 -24.68
C THR A 430 14.12 6.29 -24.46
N PRO A 431 14.50 5.08 -24.88
CA PRO A 431 13.58 3.97 -24.66
C PRO A 431 13.28 3.77 -23.19
N GLY A 432 12.04 3.44 -22.88
CA GLY A 432 11.64 3.28 -21.48
C GLY A 432 10.17 3.13 -21.28
N ARG A 433 9.77 2.92 -20.04
CA ARG A 433 8.34 2.88 -19.67
C ARG A 433 7.97 4.14 -18.89
N TYR A 434 6.97 4.87 -19.40
CA TYR A 434 6.68 6.23 -19.00
C TYR A 434 5.27 6.19 -18.46
N ARG A 435 5.11 6.57 -17.19
CA ARG A 435 3.77 6.72 -16.61
C ARG A 435 3.12 8.01 -17.06
N VAL A 436 1.85 7.94 -17.42
CA VAL A 436 1.09 9.07 -17.89
C VAL A 436 -0.21 9.15 -17.04
N GLY A 437 -0.44 10.34 -16.51
CA GLY A 437 -1.63 10.68 -15.72
C GLY A 437 -2.78 11.15 -16.60
N ALA A 438 -4.03 10.82 -16.23
CA ALA A 438 -5.22 11.29 -16.93
C ALA A 438 -6.28 11.70 -15.92
N THR A 439 -6.80 12.93 -16.08
CA THR A 439 -7.85 13.48 -15.24
C THR A 439 -9.08 13.84 -16.09
N LEU A 440 -10.19 13.20 -15.77
CA LEU A 440 -11.51 13.57 -16.20
C LEU A 440 -12.01 14.75 -15.35
N ARG A 441 -12.23 15.89 -15.99
CA ARG A 441 -12.59 17.12 -15.32
C ARG A 441 -14.02 17.44 -15.69
N THR A 442 -14.87 17.64 -14.69
CA THR A 442 -16.25 17.98 -14.98
C THR A 442 -16.74 19.02 -14.03
N SER A 443 -17.86 19.61 -14.42
CA SER A 443 -18.56 20.56 -13.55
C SER A 443 -19.01 19.87 -12.23
N ALA A 444 -19.12 18.56 -12.25
CA ALA A 444 -19.53 17.79 -11.07
C ALA A 444 -18.43 17.17 -10.25
N GLY A 445 -17.18 17.47 -10.59
CA GLY A 445 -16.07 16.84 -9.92
C GLY A 445 -15.14 16.15 -10.91
N ASN A 446 -14.05 15.63 -10.36
CA ASN A 446 -12.97 15.07 -11.18
C ASN A 446 -12.72 13.65 -10.80
N ALA A 447 -12.15 12.89 -11.73
CA ALA A 447 -11.75 11.49 -11.48
C ALA A 447 -10.42 11.33 -12.21
N SER A 448 -9.67 10.29 -11.92
CA SER A 448 -8.40 10.12 -12.64
C SER A 448 -8.02 8.67 -12.74
N THR A 449 -7.04 8.44 -13.60
CA THR A 449 -6.38 7.13 -13.74
C THR A 449 -4.95 7.35 -14.23
N THR A 450 -4.20 6.26 -14.36
CA THR A 450 -2.86 6.35 -14.96
C THR A 450 -2.73 5.19 -15.92
N PHE A 451 -1.82 5.35 -16.88
CA PHE A 451 -1.48 4.23 -17.80
C PHE A 451 0.00 4.34 -18.18
N THR A 452 0.56 3.26 -18.73
CA THR A 452 1.96 3.27 -19.07
C THR A 452 2.11 3.29 -20.57
N VAL A 453 2.91 4.25 -21.05
CA VAL A 453 3.41 4.28 -22.42
C VAL A 453 4.81 3.71 -22.54
N THR A 454 4.97 2.63 -23.26
CA THR A 454 6.31 2.05 -23.46
C THR A 454 6.88 2.53 -24.78
N VAL A 455 8.09 3.06 -24.74
CA VAL A 455 8.70 3.66 -25.91
C VAL A 455 9.97 2.89 -26.24
N GLY A 456 10.03 2.41 -27.46
CA GLY A 456 11.25 1.90 -28.05
C GLY A 456 11.80 0.65 -27.39
N LEU A 457 10.99 -0.09 -26.64
CA LEU A 457 11.38 -1.37 -26.05
C LEU A 457 10.55 -2.52 -26.59
N LEU A 458 11.22 -3.64 -26.94
CA LEU A 458 10.51 -4.82 -27.45
C LEU A 458 9.55 -5.39 -26.35
N ASP A 459 8.58 -6.20 -26.82
CA ASP A 459 7.60 -6.79 -25.97
C ASP A 459 8.18 -7.98 -25.19
N GLN A 460 8.31 -7.81 -23.88
CA GLN A 460 8.78 -8.91 -23.01
C GLN A 460 7.90 -10.14 -23.06
N ALA A 461 6.61 -9.95 -23.38
CA ALA A 461 5.67 -11.04 -23.39
C ALA A 461 6.02 -12.07 -24.50
N ARG A 462 6.78 -11.65 -25.55
CA ARG A 462 7.17 -12.58 -26.62
C ARG A 462 8.55 -13.20 -26.38
N MET A 463 9.20 -12.84 -25.25
CA MET A 463 10.56 -13.23 -25.00
C MET A 463 10.58 -14.48 -24.12
N SER A 464 11.67 -15.21 -24.23
CA SER A 464 11.88 -16.43 -23.42
C SER A 464 13.35 -16.59 -23.22
N ILE A 465 13.71 -17.44 -22.26
CA ILE A 465 15.10 -17.77 -22.03
C ILE A 465 15.59 -18.82 -23.03
N ALA A 466 16.45 -18.36 -23.94
CA ALA A 466 17.05 -19.27 -24.92
C ALA A 466 18.08 -20.16 -24.28
N ASP A 467 18.96 -19.59 -23.46
CA ASP A 467 19.90 -20.35 -22.65
C ASP A 467 20.33 -19.52 -21.42
N VAL A 468 20.84 -20.21 -20.40
CA VAL A 468 21.41 -19.52 -19.22
C VAL A 468 22.47 -20.45 -18.65
N ASP A 469 23.58 -19.94 -18.13
CA ASP A 469 24.63 -20.89 -17.66
C ASP A 469 24.28 -21.62 -16.35
N SER A 470 23.47 -20.98 -15.52
CA SER A 470 23.23 -21.43 -14.15
C SER A 470 22.04 -20.64 -13.56
N GLU A 471 21.19 -21.30 -12.77
CA GLU A 471 20.17 -20.59 -12.04
C GLU A 471 19.89 -21.26 -10.70
N GLU A 472 19.58 -20.49 -9.67
CA GLU A 472 19.21 -21.06 -8.39
C GLU A 472 17.70 -21.24 -8.35
N THR A 473 17.25 -22.47 -8.07
CA THR A 473 15.84 -22.69 -7.80
C THR A 473 15.58 -23.50 -6.55
N ALA A 474 16.62 -24.02 -5.91
CA ALA A 474 16.41 -24.93 -4.75
C ALA A 474 16.10 -24.14 -3.45
N ARG A 475 16.89 -23.13 -3.17
CA ARG A 475 16.76 -22.42 -1.90
C ARG A 475 16.07 -21.08 -2.04
N GLU A 476 15.94 -20.61 -3.27
CA GLU A 476 15.24 -19.38 -3.54
C GLU A 476 14.90 -19.29 -5.04
N ASP A 477 14.00 -18.36 -5.34
CA ASP A 477 13.48 -18.21 -6.70
C ASP A 477 14.38 -17.35 -7.56
N GLY A 478 15.42 -17.98 -8.08
CA GLY A 478 16.34 -17.27 -8.92
C GLY A 478 16.18 -17.59 -10.40
N ARG A 479 14.96 -17.91 -10.83
CA ARG A 479 14.68 -18.25 -12.24
C ARG A 479 15.24 -17.22 -13.17
N ALA A 480 15.94 -17.66 -14.24
CA ALA A 480 16.32 -16.76 -15.33
C ALA A 480 15.16 -15.93 -15.88
N SER A 481 13.97 -16.55 -15.96
CA SER A 481 12.79 -15.91 -16.47
C SER A 481 12.38 -14.65 -15.64
N ASN A 482 12.89 -14.53 -14.41
CA ASN A 482 12.59 -13.39 -13.59
C ASN A 482 13.06 -12.06 -14.23
N VAL A 483 13.98 -12.13 -15.20
CA VAL A 483 14.50 -10.88 -15.86
C VAL A 483 13.53 -10.18 -16.75
N ILE A 484 12.49 -10.92 -17.15
CA ILE A 484 11.56 -10.41 -18.16
C ILE A 484 10.15 -10.35 -17.64
N ASP A 485 9.99 -10.20 -16.32
CA ASP A 485 8.69 -10.07 -15.66
C ASP A 485 8.28 -8.60 -15.35
N GLY A 486 9.06 -7.64 -15.81
CA GLY A 486 8.86 -6.22 -15.52
C GLY A 486 8.98 -5.79 -14.06
N ASN A 487 9.49 -6.65 -13.17
CA ASN A 487 9.52 -6.43 -11.74
C ASN A 487 10.96 -6.26 -11.30
N PRO A 488 11.35 -5.07 -10.79
CA PRO A 488 12.74 -4.94 -10.29
C PRO A 488 12.97 -5.67 -8.95
N SER A 489 11.92 -6.19 -8.29
CA SER A 489 12.02 -6.96 -7.04
C SER A 489 12.26 -8.45 -7.16
N THR A 490 12.23 -8.98 -8.36
CA THR A 490 12.51 -10.41 -8.62
C THR A 490 13.74 -10.45 -9.53
N PHE A 491 14.51 -11.50 -9.40
CA PHE A 491 15.79 -11.63 -10.08
C PHE A 491 16.14 -13.04 -10.55
N TRP A 492 16.90 -13.08 -11.63
CA TRP A 492 17.74 -14.24 -11.96
C TRP A 492 18.86 -14.23 -10.96
N HIS A 493 19.13 -15.35 -10.33
CA HIS A 493 20.38 -15.57 -9.54
C HIS A 493 21.10 -16.84 -10.08
N THR A 494 22.42 -16.82 -10.25
CA THR A 494 23.11 -18.04 -10.63
C THR A 494 23.09 -19.02 -9.45
N GLU A 495 23.25 -20.30 -9.71
CA GLU A 495 23.15 -21.27 -8.62
C GLU A 495 24.15 -20.96 -7.51
N TRP A 496 23.67 -20.92 -6.27
CA TRP A 496 24.56 -20.74 -5.10
C TRP A 496 24.46 -21.87 -4.08
N SER A 497 23.38 -22.65 -4.09
CA SER A 497 23.11 -23.59 -3.02
C SER A 497 23.82 -24.93 -3.16
N ARG A 498 24.62 -25.10 -4.21
CA ARG A 498 25.59 -26.18 -4.28
C ARG A 498 27.00 -25.62 -4.43
N ALA A 499 27.96 -26.29 -3.79
CA ALA A 499 29.37 -25.83 -3.82
C ALA A 499 29.99 -25.94 -5.18
N ASP A 500 29.50 -26.87 -6.00
CA ASP A 500 30.06 -27.09 -7.33
C ASP A 500 29.45 -26.19 -8.39
N ALA A 501 28.64 -25.22 -7.97
CA ALA A 501 27.99 -24.35 -8.92
C ALA A 501 29.09 -23.53 -9.62
N PRO A 502 28.87 -23.13 -10.88
CA PRO A 502 29.91 -22.32 -11.58
C PRO A 502 30.13 -20.88 -11.08
N GLY A 503 31.35 -20.36 -11.27
CA GLY A 503 31.64 -18.95 -11.03
C GLY A 503 31.69 -18.25 -12.38
N TYR A 504 32.26 -17.06 -12.43
CA TYR A 504 32.28 -16.29 -13.69
C TYR A 504 33.23 -16.84 -14.74
N PRO A 505 32.95 -16.61 -16.05
CA PRO A 505 31.81 -15.81 -16.57
C PRO A 505 30.45 -16.51 -16.54
N HIS A 506 29.41 -15.67 -16.45
CA HIS A 506 28.03 -16.15 -16.57
C HIS A 506 27.37 -15.65 -17.87
N ARG A 507 26.17 -16.14 -18.17
CA ARG A 507 25.57 -15.85 -19.45
C ARG A 507 24.07 -16.07 -19.39
N ILE A 508 23.31 -15.14 -19.97
CA ILE A 508 21.86 -15.28 -20.11
C ILE A 508 21.47 -14.80 -21.53
N SER A 509 20.69 -15.61 -22.25
CA SER A 509 20.39 -15.31 -23.63
C SER A 509 18.88 -15.29 -23.79
N LEU A 510 18.37 -14.31 -24.56
CA LEU A 510 16.94 -14.18 -24.77
C LEU A 510 16.59 -14.45 -26.22
N ASP A 511 15.50 -15.20 -26.37
CA ASP A 511 14.81 -15.38 -27.62
C ASP A 511 13.74 -14.30 -27.66
N LEU A 512 13.82 -13.43 -28.66
CA LEU A 512 12.92 -12.29 -28.73
C LEU A 512 11.52 -12.66 -29.27
N GLY A 513 11.38 -13.89 -29.76
CA GLY A 513 10.10 -14.40 -30.26
C GLY A 513 9.94 -14.20 -31.76
N GLY A 514 10.92 -13.56 -32.38
CA GLY A 514 10.88 -13.10 -33.76
C GLY A 514 12.10 -12.23 -34.04
N THR A 515 12.35 -11.91 -35.30
CA THR A 515 13.46 -11.06 -35.72
C THR A 515 13.02 -9.61 -35.66
N HIS A 516 13.85 -8.78 -35.02
CA HIS A 516 13.59 -7.35 -34.81
C HIS A 516 14.82 -6.54 -35.05
N THR A 517 14.68 -5.28 -35.50
CA THR A 517 15.78 -4.32 -35.47
C THR A 517 15.97 -3.89 -34.03
N ILE A 518 17.16 -4.14 -33.49
CA ILE A 518 17.49 -3.80 -32.12
C ILE A 518 18.77 -3.01 -32.05
N SER A 519 18.86 -2.16 -31.01
CA SER A 519 19.97 -1.22 -30.81
C SER A 519 20.38 -1.01 -29.35
N GLY A 520 19.91 -1.87 -28.46
CA GLY A 520 20.28 -1.66 -27.06
C GLY A 520 19.82 -2.74 -26.15
N LEU A 521 20.49 -2.84 -24.99
CA LEU A 521 20.06 -3.71 -23.88
C LEU A 521 20.01 -2.88 -22.63
N GLN A 522 18.90 -2.90 -21.88
CA GLN A 522 18.86 -2.25 -20.57
C GLN A 522 18.97 -3.28 -19.42
N TYR A 523 19.96 -3.05 -18.56
CA TYR A 523 20.21 -3.93 -17.37
C TYR A 523 19.83 -3.25 -16.07
N THR A 524 19.14 -3.98 -15.20
CA THR A 524 18.84 -3.49 -13.85
C THR A 524 19.40 -4.51 -12.89
N ARG A 525 20.26 -4.06 -11.98
CA ARG A 525 20.79 -4.94 -10.94
C ARG A 525 19.74 -5.44 -9.93
N ARG A 526 20.04 -6.57 -9.28
CA ARG A 526 19.36 -6.94 -8.04
C ARG A 526 19.38 -5.76 -7.06
N GLN A 527 18.22 -5.46 -6.54
CA GLN A 527 18.01 -4.28 -5.75
C GLN A 527 18.34 -4.45 -4.25
N ASN A 528 18.26 -5.67 -3.70
CA ASN A 528 18.42 -5.81 -2.22
C ASN A 528 19.67 -6.56 -1.77
N SER A 529 20.67 -6.61 -2.64
CA SER A 529 21.95 -7.20 -2.37
C SER A 529 22.98 -6.59 -3.35
N ALA A 530 24.20 -6.43 -2.85
CA ALA A 530 25.26 -5.75 -3.55
C ALA A 530 26.33 -6.71 -4.05
N ASN A 531 26.26 -7.96 -3.63
CA ASN A 531 27.35 -8.86 -3.90
C ASN A 531 27.28 -9.79 -5.15
N GLU A 532 26.31 -9.57 -6.04
CA GLU A 532 26.15 -10.34 -7.27
C GLU A 532 25.90 -9.37 -8.45
N GLN A 533 26.57 -8.22 -8.39
CA GLN A 533 26.35 -7.20 -9.39
C GLN A 533 27.23 -7.37 -10.61
N VAL A 534 26.63 -7.47 -11.80
CA VAL A 534 27.42 -7.53 -13.05
C VAL A 534 28.30 -6.30 -13.22
N ALA A 535 29.53 -6.52 -13.64
CA ALA A 535 30.53 -5.47 -13.86
C ALA A 535 30.91 -5.47 -15.36
N ASP A 536 32.01 -6.13 -15.76
CA ASP A 536 32.36 -6.20 -17.14
C ASP A 536 31.39 -7.11 -17.91
N TYR A 537 31.00 -6.64 -19.11
CA TYR A 537 30.02 -7.37 -19.93
C TYR A 537 30.35 -7.28 -21.46
N GLU A 538 29.85 -8.24 -22.19
CA GLU A 538 29.78 -8.19 -23.64
C GLU A 538 28.34 -8.56 -24.05
N ILE A 539 27.87 -7.93 -25.14
CA ILE A 539 26.58 -8.23 -25.71
C ILE A 539 26.81 -8.90 -27.07
N TYR A 540 26.09 -10.01 -27.33
CA TYR A 540 26.16 -10.72 -28.62
C TYR A 540 24.75 -10.84 -29.17
N THR A 541 24.63 -10.99 -30.49
CA THR A 541 23.35 -11.18 -31.16
C THR A 541 23.42 -12.32 -32.13
N SER A 542 22.22 -12.81 -32.51
CA SER A 542 22.10 -13.95 -33.40
C SER A 542 20.88 -13.84 -34.22
N LEU A 543 21.05 -14.01 -35.53
CA LEU A 543 19.91 -14.24 -36.44
C LEU A 543 19.33 -15.67 -36.35
N ASN A 544 20.13 -16.70 -36.06
CA ASN A 544 19.61 -18.09 -36.12
C ASN A 544 19.76 -18.89 -34.87
N GLY A 545 20.36 -18.33 -33.84
CA GLY A 545 20.24 -18.88 -32.49
C GLY A 545 21.37 -19.70 -31.92
N THR A 546 22.25 -20.19 -32.80
CA THR A 546 23.47 -20.91 -32.38
C THR A 546 24.74 -20.17 -32.77
N THR A 547 24.72 -19.41 -33.87
CA THR A 547 25.88 -18.60 -34.26
C THR A 547 25.68 -17.14 -33.82
N TRP A 548 26.62 -16.72 -32.99
CA TRP A 548 26.59 -15.46 -32.28
C TRP A 548 27.56 -14.50 -32.90
N ASP A 549 27.07 -13.29 -33.18
CA ASP A 549 27.88 -12.17 -33.71
C ASP A 549 28.22 -11.18 -32.61
N GLY A 550 29.48 -10.73 -32.55
CA GLY A 550 29.81 -9.77 -31.54
C GLY A 550 31.21 -9.89 -31.01
N PRO A 551 31.50 -9.24 -29.88
CA PRO A 551 30.61 -8.32 -29.12
C PRO A 551 30.12 -7.14 -29.97
N VAL A 552 28.84 -6.86 -29.89
CA VAL A 552 28.30 -5.67 -30.50
C VAL A 552 28.36 -4.45 -29.57
N ALA A 553 28.54 -4.71 -28.29
CA ALA A 553 28.70 -3.69 -27.29
C ALA A 553 29.50 -4.35 -26.14
N SER A 554 30.26 -3.54 -25.43
CA SER A 554 31.00 -4.02 -24.25
C SER A 554 31.17 -2.86 -23.35
N GLY A 555 31.50 -3.17 -22.11
CA GLY A 555 31.66 -2.13 -21.13
C GLY A 555 31.68 -2.72 -19.73
N ARG A 556 31.48 -1.84 -18.77
CA ARG A 556 31.43 -2.16 -17.38
C ARG A 556 30.20 -1.45 -16.77
N PHE A 557 29.21 -2.21 -16.32
CA PHE A 557 28.11 -1.60 -15.60
C PHE A 557 28.54 -1.01 -14.25
N THR A 558 27.69 -0.12 -13.73
CA THR A 558 27.91 0.52 -12.44
C THR A 558 27.03 -0.10 -11.36
N THR A 559 27.06 0.49 -10.17
CA THR A 559 26.28 -0.01 -9.04
C THR A 559 24.91 0.71 -8.96
N SER A 560 24.59 1.49 -10.00
CA SER A 560 23.32 2.18 -10.06
C SER A 560 22.17 1.16 -9.91
N LEU A 561 21.16 1.52 -9.11
CA LEU A 561 19.93 0.78 -9.05
C LEU A 561 19.02 0.92 -10.26
N ALA A 562 19.21 1.97 -11.06
CA ALA A 562 18.34 2.24 -12.22
C ALA A 562 18.76 1.46 -13.45
N PRO A 563 17.88 1.34 -14.44
CA PRO A 563 18.31 0.78 -15.70
C PRO A 563 19.57 1.43 -16.31
N GLN A 564 20.46 0.55 -16.78
CA GLN A 564 21.72 0.94 -17.42
C GLN A 564 21.73 0.54 -18.87
N ARG A 565 21.98 1.48 -19.76
CA ARG A 565 21.89 1.20 -21.18
C ARG A 565 23.21 0.77 -21.77
N ALA A 566 23.17 -0.28 -22.59
CA ALA A 566 24.29 -0.68 -23.41
C ALA A 566 23.77 -0.57 -24.86
N VAL A 567 24.20 0.47 -25.54
CA VAL A 567 23.69 0.74 -26.90
C VAL A 567 24.66 0.35 -27.99
N PHE A 568 24.11 0.08 -29.17
CA PHE A 568 24.88 -0.37 -30.31
C PHE A 568 24.15 0.02 -31.62
N PRO A 569 24.93 0.16 -32.70
CA PRO A 569 24.32 0.43 -34.00
C PRO A 569 23.24 -0.62 -34.36
N ALA A 570 22.14 -0.14 -34.90
CA ALA A 570 20.93 -0.95 -35.13
C ALA A 570 21.23 -2.12 -36.01
N ARG A 571 20.72 -3.27 -35.62
CA ARG A 571 20.98 -4.52 -36.37
C ARG A 571 19.80 -5.45 -36.20
N ASP A 572 19.57 -6.31 -37.19
CA ASP A 572 18.47 -7.27 -37.13
C ASP A 572 18.88 -8.52 -36.39
N ALA A 573 18.01 -8.98 -35.49
CA ALA A 573 18.32 -10.13 -34.59
C ALA A 573 17.09 -10.77 -34.00
N ARG A 574 17.12 -12.11 -33.88
CA ARG A 574 16.12 -12.85 -33.12
C ARG A 574 16.53 -13.14 -31.70
N TYR A 575 17.83 -13.18 -31.45
CA TYR A 575 18.37 -13.48 -30.10
C TYR A 575 19.41 -12.46 -29.64
N ILE A 576 19.43 -12.22 -28.34
CA ILE A 576 20.41 -11.35 -27.71
C ILE A 576 20.94 -12.02 -26.43
N ARG A 577 22.28 -12.00 -26.26
CA ARG A 577 22.98 -12.59 -25.14
C ARG A 577 23.80 -11.59 -24.36
N LEU A 578 23.63 -11.60 -23.05
CA LEU A 578 24.47 -10.87 -22.08
C LEU A 578 25.47 -11.85 -21.49
N VAL A 579 26.74 -11.66 -21.82
CA VAL A 579 27.81 -12.32 -21.11
C VAL A 579 28.29 -11.47 -19.97
N ALA A 580 28.13 -12.01 -18.75
CA ALA A 580 28.53 -11.30 -17.56
C ALA A 580 29.92 -11.81 -17.28
N LEU A 581 30.93 -11.03 -17.68
CA LEU A 581 32.35 -11.40 -17.52
C LEU A 581 32.82 -11.41 -16.07
N SER A 582 32.33 -10.47 -15.28
CA SER A 582 32.82 -10.30 -13.96
C SER A 582 31.75 -9.72 -13.06
N GLU A 583 31.99 -9.82 -11.76
CA GLU A 583 31.17 -9.19 -10.71
C GLU A 583 31.91 -7.94 -10.23
N GLN A 584 31.17 -6.93 -9.74
CA GLN A 584 31.75 -5.65 -9.31
C GLN A 584 33.02 -5.79 -8.45
N THR A 585 32.99 -6.71 -7.49
CA THR A 585 34.16 -6.91 -6.62
C THR A 585 34.57 -8.38 -6.55
N GLY A 586 34.36 -9.10 -7.66
CA GLY A 586 34.89 -10.46 -7.80
C GLY A 586 34.19 -11.56 -7.03
N HIS A 587 32.93 -11.38 -6.58
CA HIS A 587 32.20 -12.52 -5.99
C HIS A 587 31.84 -13.55 -7.06
N LYS A 588 31.28 -14.67 -6.65
CA LYS A 588 31.10 -15.80 -7.55
C LYS A 588 29.85 -15.71 -8.41
N TYR A 589 28.84 -15.01 -7.89
CA TYR A 589 27.47 -15.10 -8.43
C TYR A 589 27.11 -13.88 -9.22
N ALA A 590 26.14 -14.06 -10.13
CA ALA A 590 25.53 -12.98 -10.93
C ALA A 590 24.01 -12.97 -10.60
N ALA A 591 23.46 -11.78 -10.37
CA ALA A 591 21.99 -11.56 -10.29
C ALA A 591 21.62 -10.36 -11.16
N VAL A 592 20.47 -10.47 -11.82
CA VAL A 592 19.94 -9.45 -12.71
C VAL A 592 18.44 -9.40 -12.39
N ALA A 593 17.91 -8.19 -12.08
CA ALA A 593 16.49 -8.01 -11.79
C ALA A 593 15.66 -7.89 -13.05
N GLU A 594 16.18 -7.11 -14.03
CA GLU A 594 15.51 -6.90 -15.32
C GLU A 594 16.46 -6.76 -16.49
N LEU A 595 15.99 -7.28 -17.62
CA LEU A 595 16.54 -6.98 -18.94
C LEU A 595 15.41 -6.49 -19.82
N GLU A 596 15.62 -5.37 -20.50
CA GLU A 596 14.72 -4.92 -21.58
C GLU A 596 15.57 -4.68 -22.83
N VAL A 597 14.97 -4.87 -24.01
CA VAL A 597 15.70 -4.76 -25.25
C VAL A 597 15.17 -3.57 -26.04
N GLU A 598 16.09 -2.68 -26.42
CA GLU A 598 15.78 -1.47 -27.22
C GLU A 598 15.70 -1.91 -28.69
N GLY A 599 14.53 -1.74 -29.26
CA GLY A 599 14.28 -2.13 -30.64
C GLY A 599 12.89 -1.84 -31.10
N GLN A 600 12.64 -2.16 -32.38
CA GLN A 600 11.34 -1.89 -33.01
C GLN A 600 10.49 -3.15 -32.93
N ARG A 601 9.27 -3.00 -32.40
CA ARG A 601 8.35 -4.14 -32.39
C ARG A 601 7.86 -4.49 -33.78
C1 SLB B . 5.88 1.34 11.43
C2 SLB B . 4.90 0.74 12.39
C3 SLB B . 4.94 1.43 13.77
C4 SLB B . 4.12 0.65 14.80
C5 SLB B . 4.66 -0.79 14.83
C6 SLB B . 4.41 -1.34 13.44
C7 SLB B . 4.89 -2.82 13.29
C8 SLB B . 4.61 -3.44 11.94
C9 SLB B . 5.09 -4.90 11.84
C10 SLB B . 4.38 -2.44 16.56
C11 SLB B . 3.51 -3.05 17.63
N5 SLB B . 3.83 -1.51 15.85
O1A SLB B . 6.24 0.67 10.42
O1B SLB B . 6.27 2.48 11.61
O2 SLB B . 3.56 0.93 11.74
O4 SLB B . 4.21 1.29 16.10
O6 SLB B . 5.27 -0.63 12.54
O7 SLB B . 6.21 -2.96 13.86
O8 SLB B . 3.80 -2.93 11.11
O9 SLB B . 5.60 -5.29 10.53
O10 SLB B . 5.55 -2.81 16.44
NA NA C . 12.43 -9.13 -12.41
#